data_8UAX
#
_entry.id   8UAX
#
_cell.length_a   100.228
_cell.length_b   32.373
_cell.length_c   72.639
_cell.angle_alpha   90.00
_cell.angle_beta   90.32
_cell.angle_gamma   90.00
#
_symmetry.space_group_name_H-M   'C 1 2 1'
#
loop_
_entity.id
_entity.type
_entity.pdbx_description
1 polymer 'Ribonuclease pancreatic'
2 non-polymer DI(HYDROXYETHYL)ETHER
3 non-polymer '(2S)-2-{[(R)-{[(2R,3S,4R,5R)-5-(6-amino-9H-purin-9-yl)-3,4-dihydroxyoxolan-2-yl]methoxy}(hydroxy)phosphoryl]amino}propanoic acid (non-preferred name)'
4 water water
#
_entity_poly.entity_id   1
_entity_poly.type   'polypeptide(L)'
_entity_poly.pdbx_seq_one_letter_code
;KETAAAKFERQHMDSSTSAASSSNYCNQMMKSRNLTKDRCKPVNTFVHESLADVQAVCSQKNVACKNGQTNCYQSYSTMS
ITDCRETGSSKYPNCAYKTTQANKHIIVACEGNPYVPVHFDASV
;
_entity_poly.pdbx_strand_id   A,B
#
loop_
_chem_comp.id
_chem_comp.type
_chem_comp.name
_chem_comp.formula
PEG non-polymer DI(HYDROXYETHYL)ETHER 'C4 H10 O3'
WFH non-polymer '(2S)-2-{[(R)-{[(2R,3S,4R,5R)-5-(6-amino-9H-purin-9-yl)-3,4-dihydroxyoxolan-2-yl]methoxy}(hydroxy)phosphoryl]amino}propanoic acid (non-preferred name)' 'C13 H19 N6 O8 P'
#
# COMPACT_ATOMS: atom_id res chain seq x y z
N LYS A 1 9.38 14.07 -10.66
CA LYS A 1 9.71 13.48 -9.33
C LYS A 1 8.40 13.18 -8.59
N GLU A 2 8.50 12.51 -7.45
CA GLU A 2 7.42 12.46 -6.46
C GLU A 2 7.18 13.87 -5.86
N THR A 3 5.94 14.28 -5.69
CA THR A 3 5.69 15.55 -5.02
C THR A 3 6.04 15.43 -3.54
N ALA A 4 6.20 16.57 -2.86
CA ALA A 4 6.49 16.58 -1.44
C ALA A 4 5.29 15.99 -0.68
N ALA A 5 4.08 16.34 -1.09
CA ALA A 5 2.90 15.78 -0.42
C ALA A 5 2.87 14.24 -0.56
N ALA A 6 3.22 13.75 -1.73
CA ALA A 6 3.15 12.32 -1.98
C ALA A 6 4.17 11.59 -1.10
N LYS A 7 5.37 12.19 -1.00
CA LYS A 7 6.46 11.64 -0.22
C LYS A 7 6.06 11.57 1.26
N PHE A 8 5.46 12.65 1.76
CA PHE A 8 4.92 12.65 3.12
C PHE A 8 3.95 11.48 3.33
N GLU A 9 3.08 11.25 2.35
CA GLU A 9 2.09 10.17 2.49
C GLU A 9 2.81 8.81 2.47
N ARG A 10 3.85 8.71 1.67
CA ARG A 10 4.51 7.41 1.59
C ARG A 10 5.23 7.17 2.92
N GLN A 11 5.84 8.23 3.44
CA GLN A 11 6.75 8.04 4.56
C GLN A 11 6.00 8.06 5.87
N HIS A 12 4.85 8.74 5.98
CA HIS A 12 4.33 9.07 7.30
C HIS A 12 2.87 8.65 7.51
N MET A 13 2.13 8.25 6.44
CA MET A 13 0.70 7.91 6.57
C MET A 13 0.47 6.41 6.53
N ASP A 14 -0.16 5.92 7.62
CA ASP A 14 -0.71 4.58 7.64
C ASP A 14 -2.12 4.60 8.23
N SER A 15 -3.10 4.99 7.40
CA SER A 15 -4.49 5.07 7.81
C SER A 15 -5.18 3.71 7.93
N SER A 16 -4.47 2.59 7.59
CA SER A 16 -5.00 1.22 7.58
C SER A 16 -5.45 0.74 8.94
N THR A 17 -4.71 1.12 9.98
CA THR A 17 -4.83 0.53 11.30
C THR A 17 -4.89 1.64 12.35
N SER A 18 -5.54 1.34 13.48
CA SER A 18 -5.70 2.31 14.55
C SER A 18 -4.46 2.39 15.44
N ALA A 19 -3.59 1.37 15.36
CA ALA A 19 -2.33 1.32 16.08
C ALA A 19 -1.41 0.27 15.46
N ALA A 20 -0.16 0.18 15.97
CA ALA A 20 0.75 -0.92 15.66
C ALA A 20 0.47 -2.09 16.60
N SER A 21 0.31 -3.28 16.02
CA SER A 21 -0.02 -4.46 16.80
C SER A 21 1.23 -5.31 17.01
N SER A 22 1.71 -5.99 15.96
CA SER A 22 2.86 -6.88 16.07
C SER A 22 4.08 -5.99 16.20
N SER A 23 5.03 -6.38 17.05
CA SER A 23 6.12 -5.48 17.31
C SER A 23 7.23 -5.65 16.25
N ASN A 24 6.87 -6.15 15.06
CA ASN A 24 7.72 -5.95 13.88
C ASN A 24 6.92 -5.23 12.77
N TYR A 25 6.00 -4.37 13.19
CA TYR A 25 5.31 -3.46 12.26
C TYR A 25 6.34 -2.60 11.51
N CYS A 26 7.25 -2.01 12.28
CA CYS A 26 8.26 -1.10 11.74
C CYS A 26 9.09 -1.83 10.68
N ASN A 27 9.56 -3.05 10.99
CA ASN A 27 10.37 -3.81 10.04
C ASN A 27 9.64 -3.96 8.72
N GLN A 28 8.34 -4.24 8.75
CA GLN A 28 7.59 -4.49 7.52
C GLN A 28 7.20 -3.17 6.84
N MET A 29 6.74 -2.21 7.65
CA MET A 29 6.35 -0.90 7.11
C MET A 29 7.54 -0.19 6.47
N MET A 30 8.68 -0.15 7.17
CA MET A 30 9.85 0.55 6.64
C MET A 30 10.25 -0.04 5.31
N LYS A 31 10.15 -1.37 5.18
CA LYS A 31 10.46 -2.04 3.93
C LYS A 31 9.42 -1.69 2.85
N SER A 32 8.12 -1.77 3.16
CA SER A 32 7.12 -1.59 2.11
C SER A 32 6.99 -0.14 1.64
N ARG A 33 7.42 0.82 2.48
CA ARG A 33 7.38 2.22 2.08
C ARG A 33 8.70 2.64 1.44
N ASN A 34 9.58 1.66 1.14
CA ASN A 34 10.81 1.92 0.42
C ASN A 34 11.81 2.73 1.28
N LEU A 35 11.78 2.56 2.60
CA LEU A 35 12.66 3.34 3.47
C LEU A 35 13.85 2.51 3.94
N THR A 36 13.99 1.28 3.43
CA THR A 36 15.22 0.50 3.66
C THR A 36 15.89 0.16 2.33
N LYS A 37 15.57 0.94 1.30
CA LYS A 37 15.85 0.59 -0.07
C LYS A 37 17.36 0.69 -0.31
N ASP A 38 17.91 1.90 -0.13
CA ASP A 38 19.33 2.13 -0.39
C ASP A 38 20.14 2.06 0.91
N ARG A 39 19.50 2.39 2.03
CA ARG A 39 20.11 2.38 3.34
C ARG A 39 18.98 2.21 4.35
N CYS A 40 19.32 2.06 5.62
CA CYS A 40 18.29 1.96 6.64
C CYS A 40 17.95 3.37 7.09
N LYS A 41 16.75 3.87 6.79
CA LYS A 41 16.33 5.16 7.32
C LYS A 41 16.23 5.03 8.85
N PRO A 42 17.06 5.77 9.63
CA PRO A 42 17.18 5.49 11.06
C PRO A 42 15.92 5.74 11.88
N VAL A 43 15.25 6.87 11.64
CA VAL A 43 14.07 7.23 12.40
C VAL A 43 12.95 7.55 11.42
N ASN A 44 11.71 7.11 11.78
CA ASN A 44 10.54 7.41 10.97
C ASN A 44 9.25 7.27 11.78
N THR A 45 8.31 8.19 11.63
CA THR A 45 7.05 8.10 12.34
C THR A 45 5.91 7.87 11.36
N PHE A 46 4.96 7.01 11.79
CA PHE A 46 3.75 6.71 11.05
C PHE A 46 2.54 7.22 11.79
N VAL A 47 1.60 7.85 11.07
CA VAL A 47 0.42 8.39 11.70
C VAL A 47 -0.78 7.50 11.34
N HIS A 48 -1.55 7.12 12.35
CA HIS A 48 -2.69 6.23 12.19
C HIS A 48 -3.97 6.98 12.46
N GLU A 49 -4.21 7.99 11.61
CA GLU A 49 -5.44 8.74 11.52
C GLU A 49 -5.79 8.89 10.04
N SER A 50 -7.01 9.35 9.76
CA SER A 50 -7.44 9.57 8.39
C SER A 50 -6.58 10.67 7.77
N LEU A 51 -6.40 10.59 6.45
CA LEU A 51 -5.68 11.61 5.72
C LEU A 51 -6.35 12.96 5.92
N ALA A 52 -7.69 12.98 5.96
CA ALA A 52 -8.40 14.24 6.15
C ALA A 52 -8.01 14.89 7.48
N ASP A 53 -7.95 14.11 8.57
CA ASP A 53 -7.61 14.62 9.88
C ASP A 53 -6.16 15.10 9.90
N VAL A 54 -5.29 14.39 9.20
CA VAL A 54 -3.89 14.84 9.15
C VAL A 54 -3.76 16.14 8.36
N GLN A 55 -4.33 16.23 7.15
CA GLN A 55 -4.29 17.45 6.36
C GLN A 55 -4.88 18.66 7.12
N ALA A 56 -5.87 18.40 7.99
CA ALA A 56 -6.52 19.43 8.77
C ALA A 56 -5.56 20.10 9.76
N VAL A 57 -4.42 19.46 10.05
CA VAL A 57 -3.47 20.02 11.00
C VAL A 57 -2.94 21.35 10.43
N CYS A 58 -2.93 21.46 9.09
CA CYS A 58 -2.49 22.66 8.41
C CYS A 58 -3.35 23.89 8.68
N SER A 59 -4.47 23.74 9.42
CA SER A 59 -5.25 24.87 9.89
C SER A 59 -5.40 24.88 11.42
N GLN A 60 -4.46 24.27 12.13
CA GLN A 60 -4.47 24.25 13.59
C GLN A 60 -3.36 25.16 14.12
N LYS A 61 -2.52 24.68 15.05
CA LYS A 61 -1.75 25.62 15.84
C LYS A 61 -0.42 25.90 15.14
N ASN A 62 -0.28 27.12 14.66
CA ASN A 62 0.88 27.50 13.87
C ASN A 62 2.08 27.64 14.82
N VAL A 63 3.23 27.04 14.45
CA VAL A 63 4.46 27.08 15.24
C VAL A 63 5.65 27.16 14.30
N ALA A 64 6.80 27.50 14.87
CA ALA A 64 8.03 27.43 14.11
C ALA A 64 8.39 25.99 13.82
N CYS A 65 9.03 25.78 12.66
CA CYS A 65 9.65 24.49 12.35
C CYS A 65 11.06 24.49 12.96
N LYS A 66 11.66 23.31 13.03
CA LYS A 66 13.00 23.06 13.55
C LYS A 66 14.00 23.87 12.73
N ASN A 67 13.78 23.91 11.39
CA ASN A 67 14.65 24.66 10.50
C ASN A 67 14.40 26.16 10.61
N GLY A 68 13.50 26.61 11.48
CA GLY A 68 13.26 28.04 11.61
C GLY A 68 12.25 28.66 10.64
N GLN A 69 11.78 27.94 9.60
CA GLN A 69 10.61 28.40 8.87
C GLN A 69 9.38 28.42 9.78
N THR A 70 8.34 29.18 9.38
CA THR A 70 7.16 29.34 10.22
C THR A 70 5.91 28.80 9.54
N ASN A 71 6.06 27.72 8.75
CA ASN A 71 4.90 27.11 8.11
C ASN A 71 4.65 25.73 8.72
N CYS A 72 4.84 25.65 10.06
CA CYS A 72 4.62 24.39 10.73
C CYS A 72 3.37 24.56 11.58
N TYR A 73 2.76 23.44 11.90
CA TYR A 73 1.50 23.38 12.62
C TYR A 73 1.54 22.17 13.54
N GLN A 74 1.02 22.38 14.73
CA GLN A 74 0.90 21.34 15.72
C GLN A 74 -0.58 20.97 15.82
N SER A 75 -0.83 19.66 15.79
CA SER A 75 -2.17 19.12 15.96
C SER A 75 -2.72 19.56 17.32
N TYR A 76 -3.98 19.97 17.34
CA TYR A 76 -4.65 20.31 18.58
C TYR A 76 -4.90 19.05 19.40
N SER A 77 -5.22 17.93 18.74
CA SER A 77 -5.49 16.68 19.42
C SER A 77 -4.23 15.85 19.39
N THR A 78 -4.10 14.94 20.37
CA THR A 78 -3.20 13.81 20.21
C THR A 78 -3.72 12.90 19.11
N MET A 79 -2.76 12.24 18.44
CA MET A 79 -3.03 11.27 17.39
C MET A 79 -2.31 9.95 17.67
N SER A 80 -2.90 8.88 17.19
CA SER A 80 -2.31 7.55 17.21
C SER A 80 -1.10 7.47 16.27
N ILE A 81 0.10 7.29 16.84
CA ILE A 81 1.30 7.24 16.01
C ILE A 81 2.15 6.00 16.34
N THR A 82 3.04 5.62 15.42
CA THR A 82 4.07 4.63 15.68
C THR A 82 5.46 5.20 15.39
N ASP A 83 6.32 5.19 16.42
CA ASP A 83 7.68 5.68 16.29
C ASP A 83 8.54 4.49 15.93
N CYS A 84 9.16 4.54 14.74
CA CYS A 84 10.09 3.50 14.33
C CYS A 84 11.52 4.03 14.48
N ARG A 85 12.37 3.27 15.16
CA ARG A 85 13.75 3.69 15.33
C ARG A 85 14.66 2.47 15.22
N GLU A 86 15.67 2.58 14.37
CA GLU A 86 16.58 1.49 14.07
C GLU A 86 17.31 1.06 15.36
N THR A 87 17.61 -0.24 15.45
CA THR A 87 18.21 -0.82 16.64
C THR A 87 19.67 -0.44 16.62
N GLY A 88 20.31 -0.56 17.78
CA GLY A 88 21.74 -0.33 17.90
C GLY A 88 22.58 -1.32 17.10
N SER A 89 22.06 -2.54 16.88
CA SER A 89 22.78 -3.52 16.08
C SER A 89 22.33 -3.57 14.61
N SER A 90 21.24 -2.90 14.21
CA SER A 90 20.80 -2.97 12.83
C SER A 90 21.92 -2.60 11.87
N LYS A 91 22.11 -3.39 10.82
CA LYS A 91 22.99 -2.93 9.77
C LYS A 91 22.41 -3.37 8.44
N TYR A 92 22.38 -2.41 7.51
CA TYR A 92 21.95 -2.64 6.14
C TYR A 92 22.76 -3.80 5.56
N PRO A 93 22.18 -4.75 4.80
CA PRO A 93 20.80 -4.65 4.31
C PRO A 93 19.75 -5.37 5.15
N ASN A 94 20.07 -5.75 6.38
CA ASN A 94 19.11 -6.40 7.26
C ASN A 94 18.64 -5.40 8.32
N CYS A 95 17.82 -4.44 7.89
CA CYS A 95 17.43 -3.32 8.72
C CYS A 95 16.49 -3.79 9.83
N ALA A 96 16.83 -3.43 11.06
CA ALA A 96 16.06 -3.81 12.22
C ALA A 96 15.59 -2.54 12.97
N TYR A 97 14.32 -2.55 13.39
CA TYR A 97 13.69 -1.40 14.03
C TYR A 97 12.96 -1.86 15.28
N LYS A 98 12.82 -1.00 16.29
CA LYS A 98 11.81 -1.23 17.30
C LYS A 98 10.60 -0.33 17.02
N THR A 99 9.43 -0.87 17.32
CA THR A 99 8.15 -0.24 17.12
C THR A 99 7.72 0.29 18.50
N THR A 100 7.38 1.59 18.58
CA THR A 100 6.77 2.16 19.78
C THR A 100 5.46 2.86 19.45
N GLN A 101 4.33 2.23 19.84
CA GLN A 101 3.02 2.82 19.68
C GLN A 101 2.88 3.97 20.67
N ALA A 102 2.22 5.07 20.29
CA ALA A 102 1.99 6.19 21.21
C ALA A 102 0.83 7.07 20.77
N ASN A 103 0.30 7.88 21.69
CA ASN A 103 -0.64 8.94 21.35
C ASN A 103 -0.05 10.30 21.67
N LYS A 104 0.22 11.08 20.62
CA LYS A 104 0.93 12.33 20.78
C LYS A 104 0.44 13.32 19.72
N HIS A 105 0.73 14.59 19.94
CA HIS A 105 0.42 15.62 18.96
C HIS A 105 1.54 15.61 17.94
N ILE A 106 1.19 15.88 16.69
CA ILE A 106 2.18 15.88 15.62
C ILE A 106 2.44 17.32 15.21
N ILE A 107 3.61 17.55 14.64
CA ILE A 107 3.98 18.82 14.07
C ILE A 107 4.48 18.53 12.67
N VAL A 108 3.86 19.19 11.69
CA VAL A 108 4.10 18.97 10.28
C VAL A 108 4.30 20.33 9.63
N ALA A 109 5.14 20.34 8.59
CA ALA A 109 5.27 21.52 7.74
C ALA A 109 4.25 21.42 6.60
N CYS A 110 3.54 22.52 6.32
CA CYS A 110 2.55 22.52 5.26
C CYS A 110 2.92 23.52 4.17
N GLU A 111 2.58 23.11 2.95
CA GLU A 111 2.92 23.91 1.79
C GLU A 111 2.01 23.54 0.63
N GLY A 112 1.80 24.52 -0.25
CA GLY A 112 1.30 24.23 -1.59
C GLY A 112 -0.20 24.31 -1.65
N ASN A 113 -0.76 24.03 -2.82
CA ASN A 113 -2.21 24.12 -2.98
C ASN A 113 -2.67 22.82 -3.58
N PRO A 114 -3.44 21.95 -2.88
CA PRO A 114 -4.01 22.27 -1.56
C PRO A 114 -2.91 22.31 -0.49
N TYR A 115 -3.19 22.99 0.61
CA TYR A 115 -2.21 23.24 1.65
C TYR A 115 -2.19 22.03 2.58
N VAL A 116 -1.20 21.17 2.35
CA VAL A 116 -1.17 19.85 2.97
C VAL A 116 0.22 19.63 3.55
N PRO A 117 0.40 18.62 4.43
CA PRO A 117 1.72 18.35 4.99
C PRO A 117 2.74 17.89 3.97
N VAL A 118 3.95 18.45 4.08
CA VAL A 118 5.05 18.11 3.20
C VAL A 118 6.24 17.60 4.01
N HIS A 119 6.18 17.66 5.35
CA HIS A 119 7.31 17.31 6.19
C HIS A 119 6.77 16.97 7.59
N PHE A 120 7.21 15.85 8.13
CA PHE A 120 7.02 15.51 9.54
C PHE A 120 8.14 16.10 10.37
N ASP A 121 7.81 17.13 11.16
CA ASP A 121 8.80 17.82 11.96
C ASP A 121 9.02 17.14 13.31
N ALA A 122 7.97 16.82 14.06
CA ALA A 122 8.14 16.16 15.35
C ALA A 122 6.81 15.69 15.88
N SER A 123 6.89 14.84 16.91
CA SER A 123 5.78 14.54 17.80
C SER A 123 6.07 15.11 19.17
N VAL A 124 5.03 15.58 19.86
CA VAL A 124 5.21 16.08 21.20
C VAL A 124 4.09 15.56 22.12
N LYS B 1 -23.19 -15.91 0.63
CA LYS B 1 -22.60 -14.57 0.37
C LYS B 1 -21.09 -14.71 0.40
N GLU B 2 -20.46 -14.75 -0.79
CA GLU B 2 -19.03 -14.53 -0.92
C GLU B 2 -18.80 -13.01 -0.89
N THR B 3 -18.02 -12.51 0.08
CA THR B 3 -17.83 -11.07 0.20
C THR B 3 -16.97 -10.56 -0.95
N ALA B 4 -17.03 -9.26 -1.17
CA ALA B 4 -16.24 -8.65 -2.22
C ALA B 4 -14.76 -8.90 -1.96
N ALA B 5 -14.34 -8.87 -0.70
CA ALA B 5 -12.95 -9.06 -0.38
C ALA B 5 -12.58 -10.52 -0.63
N ALA B 6 -13.52 -11.44 -0.32
CA ALA B 6 -13.35 -12.87 -0.55
C ALA B 6 -13.13 -13.13 -2.04
N LYS B 7 -13.96 -12.48 -2.84
CA LYS B 7 -13.90 -12.64 -4.27
C LYS B 7 -12.59 -12.08 -4.83
N PHE B 8 -12.11 -10.96 -4.30
CA PHE B 8 -10.83 -10.45 -4.77
C PHE B 8 -9.74 -11.50 -4.54
N GLU B 9 -9.76 -12.15 -3.36
CA GLU B 9 -8.77 -13.14 -2.99
C GLU B 9 -8.83 -14.35 -3.91
N ARG B 10 -10.03 -14.83 -4.23
CA ARG B 10 -10.22 -15.91 -5.19
C ARG B 10 -9.70 -15.54 -6.58
N GLN B 11 -9.99 -14.32 -7.05
CA GLN B 11 -9.71 -13.99 -8.43
C GLN B 11 -8.25 -13.56 -8.62
N HIS B 12 -7.59 -13.14 -7.55
CA HIS B 12 -6.36 -12.37 -7.71
C HIS B 12 -5.20 -12.72 -6.78
N MET B 13 -5.41 -13.46 -5.67
CA MET B 13 -4.31 -13.80 -4.78
C MET B 13 -3.81 -15.23 -5.09
N ASP B 14 -2.50 -15.36 -5.31
CA ASP B 14 -1.84 -16.67 -5.31
C ASP B 14 -0.50 -16.56 -4.59
N SER B 15 -0.55 -16.56 -3.25
CA SER B 15 0.66 -16.41 -2.45
C SER B 15 1.48 -17.71 -2.43
N SER B 16 0.90 -18.85 -2.88
CA SER B 16 1.53 -20.18 -2.80
C SER B 16 2.79 -20.36 -3.65
N THR B 17 2.97 -19.58 -4.71
CA THR B 17 4.25 -19.52 -5.40
C THR B 17 4.61 -18.05 -5.61
N SER B 18 5.91 -17.76 -5.76
CA SER B 18 6.38 -16.39 -5.89
C SER B 18 6.67 -16.06 -7.36
N ALA B 19 6.43 -17.06 -8.23
CA ALA B 19 6.30 -16.87 -9.67
C ALA B 19 5.32 -17.90 -10.22
N ALA B 20 5.01 -17.79 -11.52
CA ALA B 20 4.33 -18.83 -12.26
C ALA B 20 5.35 -19.46 -13.21
N SER B 21 6.03 -20.52 -12.75
CA SER B 21 7.17 -21.07 -13.46
C SER B 21 6.75 -22.19 -14.42
N SER B 22 5.46 -22.20 -14.84
CA SER B 22 5.02 -23.10 -15.90
C SER B 22 4.05 -22.38 -16.84
N SER B 23 4.22 -22.70 -18.14
CA SER B 23 3.44 -22.15 -19.23
C SER B 23 1.96 -22.53 -19.12
N ASN B 24 1.54 -23.34 -18.17
CA ASN B 24 0.13 -23.73 -18.14
C ASN B 24 -0.53 -23.37 -16.81
N TYR B 25 0.13 -22.48 -16.05
CA TYR B 25 -0.41 -21.95 -14.80
C TYR B 25 -1.78 -21.34 -15.05
N CYS B 26 -1.90 -20.52 -16.09
CA CYS B 26 -3.17 -19.84 -16.32
C CYS B 26 -4.27 -20.84 -16.69
N ASN B 27 -3.93 -21.91 -17.42
CA ASN B 27 -4.99 -22.83 -17.84
C ASN B 27 -5.55 -23.54 -16.61
N GLN B 28 -4.70 -23.91 -15.66
CA GLN B 28 -5.13 -24.55 -14.41
C GLN B 28 -5.76 -23.56 -13.41
N MET B 29 -5.05 -22.45 -13.15
CA MET B 29 -5.48 -21.46 -12.16
C MET B 29 -6.82 -20.82 -12.51
N MET B 30 -7.01 -20.38 -13.75
CA MET B 30 -8.28 -19.79 -14.15
C MET B 30 -9.43 -20.80 -13.93
N LYS B 31 -9.18 -22.07 -14.25
CA LYS B 31 -10.21 -23.10 -14.06
C LYS B 31 -10.46 -23.35 -12.57
N SER B 32 -9.39 -23.56 -11.78
CA SER B 32 -9.54 -23.91 -10.38
C SER B 32 -10.11 -22.76 -9.56
N ARG B 33 -9.90 -21.49 -9.96
CA ARG B 33 -10.51 -20.37 -9.23
C ARG B 33 -11.90 -20.00 -9.79
N ASN B 34 -12.46 -20.87 -10.64
CA ASN B 34 -13.81 -20.77 -11.17
C ASN B 34 -13.96 -19.52 -12.02
N LEU B 35 -12.96 -19.23 -12.85
CA LEU B 35 -13.03 -18.06 -13.71
C LEU B 35 -13.39 -18.46 -15.14
N THR B 36 -13.52 -19.78 -15.37
CA THR B 36 -13.86 -20.34 -16.68
C THR B 36 -15.22 -21.01 -16.61
N LYS B 37 -16.08 -20.51 -15.72
CA LYS B 37 -17.19 -21.29 -15.18
C LYS B 37 -18.44 -21.05 -16.02
N ASP B 38 -18.69 -19.78 -16.33
CA ASP B 38 -19.86 -19.36 -17.09
C ASP B 38 -19.44 -18.87 -18.46
N ARG B 39 -18.30 -18.14 -18.53
CA ARG B 39 -17.64 -17.92 -19.82
C ARG B 39 -16.14 -18.12 -19.65
N CYS B 40 -15.37 -17.72 -20.68
CA CYS B 40 -13.94 -17.56 -20.53
C CYS B 40 -13.64 -16.10 -20.13
N LYS B 41 -13.25 -15.87 -18.86
CA LYS B 41 -12.85 -14.51 -18.49
C LYS B 41 -11.65 -14.12 -19.36
N PRO B 42 -11.69 -13.05 -20.15
CA PRO B 42 -10.63 -12.82 -21.13
C PRO B 42 -9.26 -12.38 -20.58
N VAL B 43 -9.23 -11.75 -19.40
CA VAL B 43 -8.00 -11.25 -18.80
C VAL B 43 -8.09 -11.35 -17.28
N ASN B 44 -7.02 -11.83 -16.64
CA ASN B 44 -6.96 -11.86 -15.17
C ASN B 44 -5.52 -11.81 -14.68
N THR B 45 -5.33 -11.24 -13.49
CA THR B 45 -4.00 -11.15 -12.91
C THR B 45 -4.01 -11.81 -11.54
N PHE B 46 -2.94 -12.55 -11.25
CA PHE B 46 -2.70 -13.15 -9.96
C PHE B 46 -1.49 -12.48 -9.34
N VAL B 47 -1.57 -12.23 -8.03
CA VAL B 47 -0.51 -11.58 -7.28
C VAL B 47 0.16 -12.59 -6.34
N HIS B 48 1.48 -12.75 -6.50
CA HIS B 48 2.26 -13.68 -5.71
C HIS B 48 3.02 -12.93 -4.63
N GLU B 49 2.26 -12.41 -3.68
CA GLU B 49 2.75 -11.73 -2.50
C GLU B 49 1.80 -12.14 -1.39
N SER B 50 2.14 -11.81 -0.14
CA SER B 50 1.30 -12.05 1.01
C SER B 50 0.04 -11.18 0.99
N LEU B 51 -1.03 -11.72 1.59
CA LEU B 51 -2.27 -11.01 1.73
C LEU B 51 -2.07 -9.70 2.49
N ALA B 52 -1.24 -9.75 3.55
CA ALA B 52 -0.94 -8.57 4.35
C ALA B 52 -0.32 -7.51 3.44
N ASP B 53 0.61 -7.93 2.58
CA ASP B 53 1.26 -6.99 1.67
C ASP B 53 0.28 -6.40 0.66
N VAL B 54 -0.63 -7.22 0.13
CA VAL B 54 -1.56 -6.68 -0.86
C VAL B 54 -2.58 -5.79 -0.16
N GLN B 55 -3.08 -6.21 1.02
CA GLN B 55 -3.96 -5.38 1.83
C GLN B 55 -3.35 -4.01 2.11
N ALA B 56 -2.03 -3.96 2.37
CA ALA B 56 -1.36 -2.72 2.76
C ALA B 56 -1.43 -1.71 1.63
N VAL B 57 -1.66 -2.16 0.39
CA VAL B 57 -1.71 -1.27 -0.74
C VAL B 57 -2.86 -0.27 -0.58
N CYS B 58 -3.87 -0.60 0.24
CA CYS B 58 -5.03 0.26 0.43
C CYS B 58 -4.65 1.52 1.20
N SER B 59 -3.40 1.63 1.64
CA SER B 59 -3.03 2.89 2.25
C SER B 59 -1.72 3.41 1.67
N GLN B 60 -1.43 3.03 0.43
CA GLN B 60 -0.25 3.46 -0.30
C GLN B 60 -0.66 4.55 -1.28
N LYS B 61 -0.20 4.55 -2.53
CA LYS B 61 -0.32 5.76 -3.32
C LYS B 61 -1.73 5.88 -3.91
N ASN B 62 -2.48 6.92 -3.54
CA ASN B 62 -3.83 7.12 -4.02
C ASN B 62 -3.73 7.59 -5.48
N VAL B 63 -4.43 6.90 -6.38
CA VAL B 63 -4.47 7.24 -7.81
C VAL B 63 -5.90 7.05 -8.30
N ALA B 64 -6.22 7.66 -9.43
CA ALA B 64 -7.51 7.51 -10.08
C ALA B 64 -7.66 6.10 -10.64
N CYS B 65 -8.84 5.52 -10.39
CA CYS B 65 -9.30 4.30 -11.01
C CYS B 65 -9.67 4.55 -12.47
N LYS B 66 -9.60 3.48 -13.26
CA LYS B 66 -9.88 3.48 -14.68
C LYS B 66 -11.29 3.97 -14.97
N ASN B 67 -12.24 3.71 -14.04
CA ASN B 67 -13.62 4.13 -14.16
C ASN B 67 -13.87 5.54 -13.60
N GLY B 68 -12.87 6.21 -13.04
CA GLY B 68 -13.07 7.58 -12.61
C GLY B 68 -13.31 7.76 -11.12
N GLN B 69 -13.49 6.67 -10.40
CA GLN B 69 -13.51 6.72 -8.95
C GLN B 69 -12.14 7.07 -8.43
N THR B 70 -12.08 7.46 -7.17
CA THR B 70 -10.86 7.90 -6.53
C THR B 70 -10.35 6.90 -5.49
N ASN B 71 -10.90 5.69 -5.45
CA ASN B 71 -10.57 4.76 -4.38
C ASN B 71 -9.55 3.73 -4.86
N CYS B 72 -8.63 4.11 -5.75
CA CYS B 72 -7.59 3.22 -6.25
C CYS B 72 -6.24 3.63 -5.67
N TYR B 73 -5.38 2.62 -5.53
CA TYR B 73 -4.10 2.74 -4.84
C TYR B 73 -3.08 1.87 -5.53
N GLN B 74 -1.86 2.43 -5.65
CA GLN B 74 -0.77 1.83 -6.39
C GLN B 74 0.36 1.47 -5.42
N SER B 75 0.91 0.26 -5.55
CA SER B 75 1.91 -0.25 -4.62
C SER B 75 3.19 0.58 -4.75
N TYR B 76 3.80 0.90 -3.61
CA TYR B 76 5.07 1.59 -3.64
C TYR B 76 6.14 0.65 -4.22
N SER B 77 6.07 -0.64 -3.90
CA SER B 77 7.02 -1.60 -4.45
C SER B 77 6.42 -2.34 -5.64
N THR B 78 7.30 -2.90 -6.48
CA THR B 78 6.86 -3.88 -7.46
C THR B 78 6.52 -5.16 -6.72
N MET B 79 5.66 -5.95 -7.37
CA MET B 79 5.12 -7.18 -6.83
C MET B 79 5.16 -8.22 -7.93
N SER B 80 5.35 -9.47 -7.52
CA SER B 80 5.35 -10.60 -8.44
C SER B 80 3.90 -10.87 -8.82
N ILE B 81 3.62 -10.87 -10.13
CA ILE B 81 2.26 -11.09 -10.58
C ILE B 81 2.31 -12.02 -11.78
N THR B 82 1.15 -12.58 -12.11
CA THR B 82 0.99 -13.28 -13.38
C THR B 82 -0.29 -12.78 -14.05
N ASP B 83 -0.16 -12.29 -15.29
CA ASP B 83 -1.31 -11.98 -16.13
C ASP B 83 -1.66 -13.22 -16.96
N CYS B 84 -2.97 -13.49 -17.02
CA CYS B 84 -3.56 -14.51 -17.84
C CYS B 84 -4.38 -13.82 -18.95
N ARG B 85 -4.06 -14.06 -20.23
CA ARG B 85 -4.85 -13.55 -21.34
C ARG B 85 -5.34 -14.71 -22.20
N GLU B 86 -6.63 -14.68 -22.56
CA GLU B 86 -7.23 -15.74 -23.36
C GLU B 86 -6.59 -15.72 -24.74
N THR B 87 -6.15 -16.90 -25.24
CA THR B 87 -5.62 -17.05 -26.59
C THR B 87 -6.71 -16.86 -27.63
N GLY B 88 -6.31 -16.58 -28.88
CA GLY B 88 -7.25 -16.43 -29.99
C GLY B 88 -7.99 -17.73 -30.30
N SER B 89 -7.35 -18.89 -30.05
CA SER B 89 -7.90 -20.19 -30.38
C SER B 89 -8.60 -20.81 -29.18
N SER B 90 -8.63 -20.10 -28.04
CA SER B 90 -9.40 -20.50 -26.87
C SER B 90 -10.87 -20.55 -27.24
N LYS B 91 -11.59 -21.55 -26.72
CA LYS B 91 -12.99 -21.70 -27.06
C LYS B 91 -13.72 -22.35 -25.90
N TYR B 92 -14.53 -21.55 -25.20
CA TYR B 92 -15.39 -22.01 -24.14
C TYR B 92 -16.17 -23.24 -24.60
N PRO B 93 -16.18 -24.36 -23.84
CA PRO B 93 -15.65 -24.44 -22.48
C PRO B 93 -14.21 -24.90 -22.30
N ASN B 94 -13.43 -24.98 -23.39
CA ASN B 94 -12.00 -25.22 -23.29
C ASN B 94 -11.28 -23.89 -23.25
N CYS B 95 -11.30 -23.24 -22.09
CA CYS B 95 -10.69 -21.94 -21.98
C CYS B 95 -9.16 -22.06 -22.01
N ALA B 96 -8.50 -21.25 -22.85
CA ALA B 96 -7.05 -21.32 -23.03
C ALA B 96 -6.44 -19.93 -22.86
N TYR B 97 -5.24 -19.85 -22.27
CA TYR B 97 -4.66 -18.61 -21.79
C TYR B 97 -3.14 -18.58 -22.00
N LYS B 98 -2.58 -17.40 -22.32
CA LYS B 98 -1.13 -17.21 -22.25
C LYS B 98 -0.79 -16.76 -20.83
N THR B 99 0.24 -17.39 -20.28
CA THR B 99 0.81 -17.07 -18.98
C THR B 99 1.97 -16.07 -19.17
N THR B 100 1.87 -14.89 -18.55
CA THR B 100 3.00 -13.98 -18.50
C THR B 100 3.32 -13.55 -17.05
N GLN B 101 4.55 -13.85 -16.63
CA GLN B 101 5.11 -13.39 -15.38
C GLN B 101 5.66 -11.98 -15.59
N ALA B 102 5.58 -11.17 -14.53
CA ALA B 102 6.25 -9.87 -14.48
C ALA B 102 6.37 -9.42 -13.02
N ASN B 103 7.19 -8.38 -12.80
CA ASN B 103 7.25 -7.68 -11.53
C ASN B 103 6.83 -6.26 -11.76
N LYS B 104 5.67 -5.91 -11.22
CA LYS B 104 5.04 -4.65 -11.59
C LYS B 104 4.39 -4.06 -10.36
N HIS B 105 4.15 -2.75 -10.37
CA HIS B 105 3.33 -2.15 -9.33
C HIS B 105 1.88 -2.52 -9.59
N ILE B 106 1.14 -2.90 -8.54
CA ILE B 106 -0.27 -3.18 -8.72
C ILE B 106 -1.09 -1.96 -8.35
N ILE B 107 -2.28 -1.86 -8.96
CA ILE B 107 -3.27 -0.84 -8.62
C ILE B 107 -4.58 -1.58 -8.32
N VAL B 108 -5.10 -1.39 -7.09
CA VAL B 108 -6.35 -2.00 -6.65
C VAL B 108 -7.30 -0.91 -6.17
N ALA B 109 -8.59 -1.24 -6.22
CA ALA B 109 -9.63 -0.43 -5.60
C ALA B 109 -9.92 -1.05 -4.24
N CYS B 110 -10.03 -0.19 -3.24
CA CYS B 110 -10.36 -0.65 -1.91
C CYS B 110 -11.68 -0.04 -1.48
N GLU B 111 -12.36 -0.74 -0.59
CA GLU B 111 -13.67 -0.34 -0.06
C GLU B 111 -13.89 -1.00 1.29
N GLY B 112 -14.76 -0.37 2.09
CA GLY B 112 -15.35 -1.02 3.26
C GLY B 112 -14.66 -0.64 4.55
N ASN B 113 -15.14 -1.33 5.60
CA ASN B 113 -14.62 -1.19 6.95
C ASN B 113 -14.51 -2.60 7.52
N PRO B 114 -13.32 -3.24 7.48
CA PRO B 114 -12.06 -2.56 7.19
C PRO B 114 -11.85 -2.31 5.71
N TYR B 115 -10.87 -1.46 5.40
CA TYR B 115 -10.65 -0.95 4.05
C TYR B 115 -9.70 -1.89 3.33
N VAL B 116 -10.26 -2.64 2.41
CA VAL B 116 -9.56 -3.78 1.84
C VAL B 116 -9.71 -3.80 0.32
N PRO B 117 -8.84 -4.50 -0.43
CA PRO B 117 -8.97 -4.54 -1.88
C PRO B 117 -10.23 -5.28 -2.30
N VAL B 118 -10.96 -4.76 -3.29
CA VAL B 118 -12.14 -5.41 -3.81
C VAL B 118 -12.07 -5.58 -5.33
N HIS B 119 -11.07 -4.96 -5.97
CA HIS B 119 -10.99 -4.99 -7.42
C HIS B 119 -9.55 -4.76 -7.85
N PHE B 120 -9.12 -5.50 -8.85
CA PHE B 120 -7.79 -5.33 -9.43
C PHE B 120 -7.92 -4.40 -10.62
N ASP B 121 -7.32 -3.21 -10.57
CA ASP B 121 -7.59 -2.23 -11.60
C ASP B 121 -6.55 -2.32 -12.70
N ALA B 122 -5.28 -2.46 -12.34
CA ALA B 122 -4.21 -2.36 -13.32
C ALA B 122 -2.87 -2.68 -12.68
N SER B 123 -1.86 -2.82 -13.54
CA SER B 123 -0.49 -3.03 -13.13
C SER B 123 0.40 -2.15 -13.98
N VAL B 124 1.46 -1.60 -13.38
CA VAL B 124 2.27 -0.63 -14.10
C VAL B 124 3.74 -0.79 -13.74
O2 PEG C . 10.21 10.92 12.34
C3 PEG C . 10.07 11.11 10.93
C4 PEG C . 11.36 11.70 10.36
O4 PEG C . 11.34 11.85 8.92
O2 PEG D . 9.84 13.77 17.46
C3 PEG D . 10.13 12.39 17.77
C4 PEG D . 9.51 11.48 16.75
O4 PEG D . 8.22 10.98 17.15
O2 PEG E . 12.75 14.09 6.00
C3 PEG E . 11.43 14.58 5.82
C4 PEG E . 10.59 14.13 6.97
O4 PEG E . 9.21 14.30 6.72
C8 WFH F . -15.33 -2.35 -9.57
C6 WFH F . -13.48 0.57 -9.39
C4 WFH F . -14.76 -0.90 -8.03
OA WFH F . -10.72 -7.29 -10.00
C WFH F . -11.72 -7.95 -9.75
O WFH F . -11.94 -8.48 -8.61
CA WFH F . -12.64 -8.06 -10.91
CB WFH F . -11.92 -8.48 -12.19
N WFH F . -13.19 -6.73 -11.07
P WFH F . -14.81 -6.56 -10.92
O1P WFH F . -15.32 -5.28 -11.56
O2P WFH F . -15.32 -7.83 -11.60
O5' WFH F . -15.29 -6.63 -9.37
C5' WFH F . -14.93 -5.67 -8.39
C4' WFH F . -16.05 -5.21 -7.45
C3' WFH F . -17.42 -4.80 -8.06
O3' WFH F . -18.50 -5.51 -7.48
C2' WFH F . -17.59 -3.30 -7.77
O2' WFH F . -18.70 -3.01 -6.87
C1' WFH F . -16.24 -2.84 -7.20
O4' WFH F . -15.53 -4.04 -6.78
N9 WFH F . -15.45 -2.03 -8.23
C5 WFH F . -14.24 -0.54 -9.27
N7 WFH F . -14.58 -1.42 -10.23
N3 WFH F . -14.52 -0.12 -6.92
C2 WFH F . -13.78 0.98 -7.12
N1 WFH F . -13.26 1.35 -8.32
N6 WFH F . -12.99 0.83 -10.62
#